data_1ZBN
#
_entry.id   1ZBN
#
loop_
_entity.id
_entity.type
_entity.pdbx_description
1 polymer 'BIV mRNA'
2 polymer 'JDV tat protein'
#
loop_
_entity_poly.entity_id
_entity_poly.type
_entity_poly.pdbx_seq_one_letter_code
_entity_poly.pdbx_strand_id
1 'polyribonucleotide' GGCUCGUGUAGCUCAUUAGCUCCGAGCC A
2 'polypeptide(L)' GRRKKRGTRGKGRKIHY B
#
loop_
_chem_comp.id
_chem_comp.type
_chem_comp.name
_chem_comp.formula
A RNA linking ADENOSINE-5'-MONOPHOSPHATE 'C10 H14 N5 O7 P'
C RNA linking CYTIDINE-5'-MONOPHOSPHATE 'C9 H14 N3 O8 P'
G RNA linking GUANOSINE-5'-MONOPHOSPHATE 'C10 H14 N5 O8 P'
U RNA linking URIDINE-5'-MONOPHOSPHATE 'C9 H13 N2 O9 P'
#
# COMPACT_ATOMS: atom_id res chain seq x y z
N GLY B 1 1.79 -10.88 -0.46
CA GLY B 1 2.65 -11.57 0.55
C GLY B 1 4.06 -11.01 0.59
N ARG B 2 5.05 -11.87 0.38
CA ARG B 2 6.45 -11.43 0.40
C ARG B 2 6.70 -10.35 -0.64
N ARG B 3 6.41 -9.10 -0.29
CA ARG B 3 6.62 -8.00 -1.21
C ARG B 3 6.29 -6.65 -0.57
N LYS B 4 6.41 -5.57 -1.35
CA LYS B 4 6.13 -4.22 -0.85
C LYS B 4 4.91 -4.22 0.07
N LYS B 5 3.88 -4.97 -0.33
CA LYS B 5 2.65 -5.11 0.42
C LYS B 5 2.33 -3.88 1.26
N ARG B 6 1.43 -3.05 0.75
CA ARG B 6 1.02 -1.85 1.45
C ARG B 6 -0.29 -1.32 0.85
N GLY B 7 -0.27 -1.04 -0.46
CA GLY B 7 -1.47 -0.56 -1.12
C GLY B 7 -1.82 0.87 -0.81
N THR B 8 -2.51 1.09 0.30
CA THR B 8 -2.89 2.44 0.69
C THR B 8 -2.15 2.82 1.96
N ARG B 9 -2.00 4.11 2.17
CA ARG B 9 -1.29 4.56 3.34
C ARG B 9 -2.19 4.68 4.58
N GLY B 10 -3.38 4.06 4.54
CA GLY B 10 -4.26 4.07 5.70
C GLY B 10 -5.51 4.93 5.55
N LYS B 11 -5.74 5.51 4.39
CA LYS B 11 -6.91 6.34 4.17
C LYS B 11 -7.14 6.52 2.69
N GLY B 12 -6.99 5.44 1.94
CA GLY B 12 -7.15 5.49 0.52
C GLY B 12 -6.09 6.36 -0.14
N ARG B 13 -4.99 6.61 0.57
CA ARG B 13 -3.90 7.42 0.05
C ARG B 13 -3.08 6.63 -0.97
N LYS B 14 -3.25 5.31 -0.96
CA LYS B 14 -2.56 4.43 -1.89
C LYS B 14 -1.05 4.44 -1.69
N ILE B 15 -0.37 3.54 -2.38
CA ILE B 15 1.08 3.40 -2.24
C ILE B 15 1.82 3.42 -3.57
N HIS B 16 1.31 2.67 -4.54
CA HIS B 16 1.90 2.61 -5.87
C HIS B 16 3.43 2.70 -5.84
N TYR B 17 4.10 1.56 -5.75
CA TYR B 17 5.56 1.54 -5.72
C TYR B 17 6.14 1.90 -7.08
N GLY B 1 0.98 -11.67 2.01
CA GLY B 1 1.59 -10.95 0.87
C GLY B 1 3.01 -10.48 1.18
N ARG B 2 3.89 -10.52 0.18
CA ARG B 2 5.27 -10.10 0.38
C ARG B 2 5.63 -8.93 -0.53
N ARG B 3 6.62 -8.13 -0.11
CA ARG B 3 7.07 -7.01 -0.91
C ARG B 3 5.96 -5.98 -1.11
N LYS B 4 6.32 -4.68 -1.04
CA LYS B 4 5.37 -3.58 -1.19
C LYS B 4 3.99 -3.93 -0.63
N LYS B 5 3.97 -4.63 0.50
CA LYS B 5 2.71 -5.00 1.09
C LYS B 5 2.20 -3.91 2.00
N ARG B 6 1.38 -3.04 1.45
CA ARG B 6 0.82 -1.94 2.20
C ARG B 6 -0.55 -1.54 1.64
N GLY B 7 -0.63 -1.31 0.33
CA GLY B 7 -1.89 -0.95 -0.28
C GLY B 7 -2.25 0.51 -0.20
N THR B 8 -2.97 0.88 0.86
CA THR B 8 -3.37 2.27 1.04
C THR B 8 -2.57 2.89 2.17
N ARG B 9 -2.50 4.21 2.20
CA ARG B 9 -1.77 4.89 3.24
C ARG B 9 -2.73 5.37 4.34
N GLY B 10 -3.85 4.65 4.53
CA GLY B 10 -4.81 5.00 5.56
C GLY B 10 -5.75 6.11 5.14
N LYS B 11 -6.90 5.71 4.57
CA LYS B 11 -7.94 6.63 4.09
C LYS B 11 -8.03 6.52 2.57
N GLY B 12 -7.84 5.30 2.07
CA GLY B 12 -7.91 5.05 0.67
C GLY B 12 -6.75 5.68 -0.10
N ARG B 13 -5.68 6.05 0.60
CA ARG B 13 -4.52 6.62 -0.08
C ARG B 13 -3.66 5.49 -0.64
N LYS B 14 -4.17 4.80 -1.65
CA LYS B 14 -3.46 3.67 -2.23
C LYS B 14 -1.95 3.88 -2.28
N ILE B 15 -1.25 2.78 -2.37
CA ILE B 15 0.18 2.78 -2.44
C ILE B 15 0.61 2.48 -3.87
N HIS B 16 1.74 3.01 -4.28
CA HIS B 16 2.22 2.81 -5.63
C HIS B 16 3.74 2.92 -5.69
N TYR B 17 4.41 1.83 -5.32
CA TYR B 17 5.87 1.82 -5.32
C TYR B 17 6.43 2.14 -6.70
N GLY B 1 1.44 -11.11 -1.22
CA GLY B 1 2.02 -11.50 0.09
C GLY B 1 3.36 -10.82 0.36
N ARG B 2 4.45 -11.51 0.01
CA ARG B 2 5.78 -10.95 0.22
C ARG B 2 6.09 -9.90 -0.81
N ARG B 3 5.84 -8.63 -0.49
CA ARG B 3 6.09 -7.59 -1.45
C ARG B 3 5.75 -6.20 -0.90
N LYS B 4 5.84 -5.18 -1.77
CA LYS B 4 5.55 -3.80 -1.39
C LYS B 4 4.39 -3.73 -0.40
N LYS B 5 3.35 -4.49 -0.69
CA LYS B 5 2.17 -4.55 0.16
C LYS B 5 1.74 -3.14 0.60
N ARG B 6 1.03 -3.02 1.73
CA ARG B 6 0.54 -1.73 2.20
C ARG B 6 -0.67 -1.30 1.37
N GLY B 7 -0.45 -1.09 0.07
CA GLY B 7 -1.52 -0.68 -0.79
C GLY B 7 -1.93 0.75 -0.59
N THR B 8 -2.44 1.06 0.59
CA THR B 8 -2.86 2.41 0.93
C THR B 8 -2.01 2.93 2.06
N ARG B 9 -1.85 4.24 2.16
CA ARG B 9 -1.05 4.79 3.22
C ARG B 9 -1.91 5.19 4.43
N GLY B 10 -3.09 4.57 4.57
CA GLY B 10 -3.95 4.85 5.70
C GLY B 10 -5.01 5.90 5.41
N LYS B 11 -6.17 5.44 4.93
CA LYS B 11 -7.29 6.31 4.58
C LYS B 11 -7.39 6.41 3.06
N GLY B 12 -7.13 5.30 2.40
CA GLY B 12 -7.18 5.26 0.97
C GLY B 12 -6.15 6.16 0.31
N ARG B 13 -5.00 6.33 0.98
CA ARG B 13 -3.92 7.15 0.41
C ARG B 13 -3.14 6.37 -0.64
N LYS B 14 -3.50 5.09 -0.83
CA LYS B 14 -2.85 4.22 -1.81
C LYS B 14 -1.34 4.25 -1.76
N ILE B 15 -0.75 3.30 -2.48
CA ILE B 15 0.68 3.16 -2.57
C ILE B 15 1.07 2.97 -4.03
N HIS B 16 2.25 3.42 -4.38
CA HIS B 16 2.74 3.32 -5.76
C HIS B 16 4.25 3.27 -5.78
N TYR B 17 4.81 2.07 -5.93
CA TYR B 17 6.25 1.93 -5.96
C TYR B 17 6.82 2.22 -7.34
N GLY B 1 0.64 -10.33 1.97
CA GLY B 1 1.09 -11.57 1.26
C GLY B 1 2.54 -11.52 0.83
N ARG B 2 3.38 -10.85 1.62
CA ARG B 2 4.81 -10.73 1.28
C ARG B 2 4.96 -9.78 0.12
N ARG B 3 6.14 -9.13 0.03
CA ARG B 3 6.40 -8.18 -1.04
C ARG B 3 6.08 -6.75 -0.55
N LYS B 4 6.28 -5.73 -1.39
CA LYS B 4 6.01 -4.34 -0.99
C LYS B 4 4.86 -4.27 0.01
N LYS B 5 3.80 -5.03 -0.28
CA LYS B 5 2.60 -5.12 0.55
C LYS B 5 2.37 -3.91 1.43
N ARG B 6 1.29 -3.20 1.16
CA ARG B 6 0.93 -2.04 1.93
C ARG B 6 -0.38 -1.45 1.41
N GLY B 7 -0.46 -1.25 0.10
CA GLY B 7 -1.68 -0.74 -0.51
C GLY B 7 -1.95 0.71 -0.28
N THR B 8 -2.68 1.03 0.77
CA THR B 8 -3.01 2.40 1.10
C THR B 8 -2.16 2.88 2.25
N ARG B 9 -2.03 4.19 2.40
CA ARG B 9 -1.22 4.71 3.46
C ARG B 9 -2.02 4.95 4.75
N GLY B 10 -3.23 4.38 4.85
CA GLY B 10 -4.01 4.50 6.08
C GLY B 10 -5.36 5.18 5.93
N LYS B 11 -5.68 5.69 4.75
CA LYS B 11 -6.97 6.34 4.53
C LYS B 11 -7.24 6.47 3.05
N GLY B 12 -7.00 5.37 2.33
CA GLY B 12 -7.20 5.36 0.92
C GLY B 12 -6.16 6.20 0.19
N ARG B 13 -5.02 6.43 0.86
CA ARG B 13 -3.93 7.20 0.26
C ARG B 13 -3.10 6.34 -0.68
N LYS B 14 -3.48 5.07 -0.84
CA LYS B 14 -2.79 4.12 -1.73
C LYS B 14 -1.28 4.21 -1.60
N ILE B 15 -0.59 3.25 -2.22
CA ILE B 15 0.85 3.18 -2.14
C ILE B 15 1.54 3.17 -3.50
N HIS B 16 0.86 2.65 -4.51
CA HIS B 16 1.39 2.57 -5.88
C HIS B 16 2.88 2.91 -5.95
N TYR B 17 3.73 1.91 -5.72
CA TYR B 17 5.18 2.13 -5.75
C TYR B 17 5.60 2.86 -7.02
N GLY B 1 0.59 -10.62 -1.98
CA GLY B 1 1.61 -10.64 -0.91
C GLY B 1 3.01 -10.28 -1.42
N ARG B 2 4.02 -10.63 -0.63
CA ARG B 2 5.43 -10.38 -0.97
C ARG B 2 5.65 -9.10 -1.78
N ARG B 3 6.33 -8.13 -1.18
CA ARG B 3 6.65 -6.87 -1.85
C ARG B 3 5.41 -5.99 -2.01
N LYS B 4 5.64 -4.67 -1.95
CA LYS B 4 4.57 -3.69 -2.08
C LYS B 4 3.31 -4.13 -1.34
N LYS B 5 3.50 -4.76 -0.19
CA LYS B 5 2.36 -5.22 0.58
C LYS B 5 1.99 -4.22 1.65
N ARG B 6 1.52 -3.08 1.19
CA ARG B 6 1.09 -2.01 2.05
C ARG B 6 -0.29 -1.51 1.60
N GLY B 7 -0.41 -1.21 0.31
CA GLY B 7 -1.68 -0.78 -0.23
C GLY B 7 -1.99 0.68 -0.08
N THR B 8 -2.70 1.01 0.97
CA THR B 8 -3.09 2.39 1.24
C THR B 8 -2.21 2.95 2.34
N ARG B 9 -2.06 4.26 2.37
CA ARG B 9 -1.22 4.86 3.38
C ARG B 9 -2.01 5.24 4.64
N GLY B 10 -3.25 4.74 4.79
CA GLY B 10 -4.00 5.03 6.00
C GLY B 10 -5.49 5.27 5.82
N LYS B 11 -5.93 5.65 4.63
CA LYS B 11 -7.35 5.90 4.42
C LYS B 11 -7.67 5.98 2.93
N GLY B 12 -7.13 5.03 2.18
CA GLY B 12 -7.36 5.02 0.76
C GLY B 12 -6.35 5.86 -0.01
N ARG B 13 -5.25 6.22 0.65
CA ARG B 13 -4.20 7.00 0.01
C ARG B 13 -3.36 6.12 -0.92
N LYS B 14 -3.67 4.82 -0.94
CA LYS B 14 -2.97 3.84 -1.78
C LYS B 14 -1.46 4.00 -1.71
N ILE B 15 -0.77 3.02 -2.25
CA ILE B 15 0.67 3.01 -2.21
C ILE B 15 1.33 2.90 -3.60
N HIS B 16 0.59 2.39 -4.56
CA HIS B 16 1.08 2.22 -5.95
C HIS B 16 2.59 2.44 -6.07
N TYR B 17 3.36 1.37 -5.83
CA TYR B 17 4.81 1.46 -5.92
C TYR B 17 5.25 2.03 -7.26
N GLY B 1 0.83 -11.10 1.04
CA GLY B 1 0.86 -10.34 -0.24
C GLY B 1 2.23 -10.37 -0.90
N ARG B 2 3.28 -10.49 -0.10
CA ARG B 2 4.65 -10.54 -0.61
C ARG B 2 4.98 -9.40 -1.55
N ARG B 3 6.05 -8.67 -1.26
CA ARG B 3 6.50 -7.57 -2.12
C ARG B 3 5.55 -6.37 -2.06
N LYS B 4 6.12 -5.18 -1.90
CA LYS B 4 5.34 -3.94 -1.82
C LYS B 4 4.08 -4.10 -0.99
N LYS B 5 4.14 -4.93 0.04
CA LYS B 5 2.96 -5.14 0.87
C LYS B 5 2.75 -4.00 1.85
N ARG B 6 1.73 -3.22 1.57
CA ARG B 6 1.37 -2.08 2.38
C ARG B 6 0.10 -1.45 1.81
N GLY B 7 0.11 -1.17 0.50
CA GLY B 7 -1.06 -0.64 -0.16
C GLY B 7 -1.33 0.82 0.05
N THR B 8 -2.04 1.15 1.11
CA THR B 8 -2.39 2.52 1.39
C THR B 8 -1.62 3.04 2.59
N ARG B 9 -1.48 4.35 2.70
CA ARG B 9 -0.76 4.92 3.82
C ARG B 9 -1.73 5.37 4.92
N GLY B 10 -2.87 4.67 5.03
CA GLY B 10 -3.85 4.98 6.05
C GLY B 10 -4.81 6.08 5.64
N LYS B 11 -5.97 5.67 5.10
CA LYS B 11 -7.00 6.59 4.64
C LYS B 11 -6.97 6.66 3.12
N GLY B 12 -6.73 5.50 2.50
CA GLY B 12 -6.70 5.44 1.07
C GLY B 12 -5.61 6.28 0.44
N ARG B 13 -4.54 6.58 1.19
CA ARG B 13 -3.44 7.36 0.65
C ARG B 13 -2.70 6.58 -0.43
N LYS B 14 -2.85 5.25 -0.39
CA LYS B 14 -2.22 4.37 -1.36
C LYS B 14 -0.70 4.43 -1.30
N ILE B 15 -0.08 3.38 -1.81
CA ILE B 15 1.37 3.25 -1.79
C ILE B 15 2.00 3.24 -3.18
N HIS B 16 1.32 2.62 -4.13
CA HIS B 16 1.80 2.53 -5.51
C HIS B 16 3.31 2.76 -5.62
N TYR B 17 4.09 1.68 -5.51
CA TYR B 17 5.54 1.79 -5.58
C TYR B 17 5.98 2.51 -6.86
N GLY B 1 1.08 -10.72 0.08
CA GLY B 1 1.72 -11.31 -1.14
C GLY B 1 3.10 -10.75 -1.41
N ARG B 2 4.11 -11.33 -0.74
CA ARG B 2 5.52 -10.90 -0.89
C ARG B 2 5.72 -9.93 -2.03
N ARG B 3 5.39 -8.65 -1.82
CA ARG B 3 5.54 -7.65 -2.87
C ARG B 3 4.95 -6.30 -2.49
N LYS B 4 5.82 -5.32 -2.20
CA LYS B 4 5.37 -3.97 -1.83
C LYS B 4 4.13 -4.02 -0.96
N LYS B 5 4.09 -4.97 -0.03
CA LYS B 5 2.93 -5.13 0.84
C LYS B 5 2.75 -3.95 1.77
N ARG B 6 1.62 -3.27 1.60
CA ARG B 6 1.27 -2.11 2.39
C ARG B 6 -0.08 -1.57 1.91
N GLY B 7 -0.22 -1.42 0.60
CA GLY B 7 -1.47 -0.98 0.01
C GLY B 7 -1.77 0.49 0.20
N THR B 8 -2.36 0.83 1.34
CA THR B 8 -2.71 2.22 1.61
C THR B 8 -1.85 2.79 2.70
N ARG B 9 -1.77 4.10 2.76
CA ARG B 9 -0.98 4.76 3.78
C ARG B 9 -1.86 5.23 4.94
N GLY B 10 -2.99 4.54 5.16
CA GLY B 10 -3.88 4.88 6.26
C GLY B 10 -4.85 5.99 5.90
N LYS B 11 -6.06 5.59 5.52
CA LYS B 11 -7.13 6.51 5.14
C LYS B 11 -7.27 6.51 3.63
N GLY B 12 -7.11 5.33 3.04
CA GLY B 12 -7.24 5.19 1.62
C GLY B 12 -6.22 6.02 0.85
N ARG B 13 -5.02 6.19 1.41
CA ARG B 13 -3.98 6.95 0.72
C ARG B 13 -3.31 6.09 -0.35
N LYS B 14 -3.57 4.78 -0.29
CA LYS B 14 -3.01 3.84 -1.26
C LYS B 14 -1.49 3.95 -1.36
N ILE B 15 -0.90 2.92 -1.95
CA ILE B 15 0.53 2.86 -2.14
C ILE B 15 0.81 2.61 -3.62
N HIS B 16 1.93 3.09 -4.10
CA HIS B 16 2.30 2.91 -5.51
C HIS B 16 3.79 3.06 -5.69
N TYR B 17 4.52 1.98 -5.45
CA TYR B 17 5.97 2.00 -5.57
C TYR B 17 6.40 2.47 -6.96
N GLY B 1 -0.13 -11.90 0.34
CA GLY B 1 0.73 -10.98 -0.45
C GLY B 1 2.17 -10.97 0.03
N ARG B 2 3.10 -10.67 -0.87
CA ARG B 2 4.52 -10.62 -0.51
C ARG B 2 5.19 -9.37 -1.07
N ARG B 3 6.21 -8.89 -0.36
CA ARG B 3 6.98 -7.72 -0.79
C ARG B 3 6.27 -6.41 -0.40
N LYS B 4 6.38 -5.37 -1.25
CA LYS B 4 5.75 -4.06 -0.98
C LYS B 4 4.57 -4.18 -0.03
N LYS B 5 3.73 -5.19 -0.29
CA LYS B 5 2.55 -5.48 0.52
C LYS B 5 2.21 -4.38 1.51
N ARG B 6 1.64 -3.30 0.99
CA ARG B 6 1.22 -2.19 1.81
C ARG B 6 -0.17 -1.73 1.37
N GLY B 7 -0.33 -1.43 0.07
CA GLY B 7 -1.63 -1.04 -0.43
C GLY B 7 -1.95 0.43 -0.33
N THR B 8 -2.70 0.78 0.71
CA THR B 8 -3.09 2.16 0.93
C THR B 8 -2.32 2.74 2.09
N ARG B 9 -2.17 4.05 2.11
CA ARG B 9 -1.43 4.68 3.18
C ARG B 9 -2.36 5.13 4.32
N GLY B 10 -3.51 4.46 4.47
CA GLY B 10 -4.43 4.79 5.54
C GLY B 10 -5.50 5.79 5.14
N LYS B 11 -6.64 5.28 4.66
CA LYS B 11 -7.76 6.11 4.22
C LYS B 11 -7.77 6.17 2.70
N GLY B 12 -7.45 5.03 2.08
CA GLY B 12 -7.42 4.95 0.66
C GLY B 12 -6.34 5.83 0.05
N ARG B 13 -5.22 5.99 0.77
CA ARG B 13 -4.12 6.79 0.28
C ARG B 13 -3.22 6.01 -0.69
N LYS B 14 -3.58 4.75 -0.96
CA LYS B 14 -2.86 3.88 -1.89
C LYS B 14 -1.35 3.92 -1.71
N ILE B 15 -0.65 2.95 -2.30
CA ILE B 15 0.79 2.85 -2.17
C ILE B 15 1.50 2.67 -3.49
N HIS B 16 1.17 1.59 -4.17
CA HIS B 16 1.77 1.25 -5.48
C HIS B 16 3.20 1.76 -5.59
N TYR B 17 4.18 0.90 -5.31
CA TYR B 17 5.58 1.28 -5.38
C TYR B 17 5.95 1.75 -6.79
N GLY B 1 0.89 -10.43 2.11
CA GLY B 1 1.80 -11.17 1.20
C GLY B 1 3.18 -10.54 1.12
N ARG B 2 4.01 -11.02 0.20
CA ARG B 2 5.36 -10.49 0.03
C ARG B 2 5.38 -9.36 -0.98
N ARG B 3 6.55 -8.72 -1.13
CA ARG B 3 6.72 -7.63 -2.09
C ARG B 3 6.24 -6.29 -1.51
N LYS B 4 6.27 -5.24 -2.35
CA LYS B 4 5.87 -3.90 -1.94
C LYS B 4 4.71 -3.92 -0.94
N LYS B 5 3.71 -4.75 -1.22
CA LYS B 5 2.55 -4.88 -0.37
C LYS B 5 2.06 -3.50 0.12
N ARG B 6 1.63 -3.40 1.38
CA ARG B 6 1.13 -2.14 1.90
C ARG B 6 -0.17 -1.75 1.21
N GLY B 7 -0.09 -1.41 -0.09
CA GLY B 7 -1.28 -1.06 -0.82
C GLY B 7 -1.80 0.32 -0.57
N THR B 8 -2.40 0.53 0.59
CA THR B 8 -2.92 1.83 0.95
C THR B 8 -2.20 2.37 2.16
N ARG B 9 -2.16 3.69 2.29
CA ARG B 9 -1.46 4.29 3.41
C ARG B 9 -2.43 4.63 4.56
N GLY B 10 -3.50 3.83 4.69
CA GLY B 10 -4.47 4.03 5.76
C GLY B 10 -5.51 5.07 5.45
N LYS B 11 -6.64 4.62 4.88
CA LYS B 11 -7.75 5.49 4.51
C LYS B 11 -7.81 5.60 2.99
N GLY B 12 -7.51 4.50 2.33
CA GLY B 12 -7.54 4.48 0.90
C GLY B 12 -6.51 5.42 0.29
N ARG B 13 -5.40 5.66 1.00
CA ARG B 13 -4.35 6.53 0.49
C ARG B 13 -3.53 5.82 -0.59
N LYS B 14 -3.74 4.51 -0.72
CA LYS B 14 -3.03 3.72 -1.73
C LYS B 14 -1.53 3.89 -1.61
N ILE B 15 -0.77 3.08 -2.35
CA ILE B 15 0.68 3.13 -2.28
C ILE B 15 1.35 3.23 -3.64
N HIS B 16 1.10 2.25 -4.47
CA HIS B 16 1.68 2.22 -5.83
C HIS B 16 3.14 2.69 -5.83
N TYR B 17 4.08 1.76 -5.74
CA TYR B 17 5.48 2.11 -5.72
C TYR B 17 5.90 2.77 -7.04
N GLY B 1 0.50 -10.24 1.22
CA GLY B 1 0.85 -11.32 0.26
C GLY B 1 2.27 -11.22 -0.24
N ARG B 2 3.22 -10.95 0.66
CA ARG B 2 4.61 -10.84 0.29
C ARG B 2 4.82 -9.71 -0.72
N ARG B 3 6.05 -9.23 -0.84
CA ARG B 3 6.36 -8.16 -1.78
C ARG B 3 6.03 -6.78 -1.21
N LYS B 4 6.17 -5.75 -2.04
CA LYS B 4 5.91 -4.36 -1.63
C LYS B 4 4.76 -4.28 -0.62
N LYS B 5 3.67 -4.99 -0.93
CA LYS B 5 2.49 -5.02 -0.08
C LYS B 5 2.23 -3.64 0.55
N ARG B 6 1.64 -3.61 1.76
CA ARG B 6 1.34 -2.35 2.41
C ARG B 6 0.12 -1.68 1.76
N GLY B 7 0.09 -1.69 0.42
CA GLY B 7 -1.02 -1.12 -0.32
C GLY B 7 -1.24 0.36 -0.13
N THR B 8 -1.94 0.72 0.93
CA THR B 8 -2.22 2.12 1.19
C THR B 8 -1.32 2.63 2.29
N ARG B 9 -1.30 3.93 2.52
CA ARG B 9 -0.46 4.47 3.57
C ARG B 9 -1.21 4.58 4.90
N GLY B 10 -2.40 3.96 4.99
CA GLY B 10 -3.14 3.96 6.24
C GLY B 10 -4.38 4.86 6.26
N LYS B 11 -4.77 5.39 5.10
CA LYS B 11 -5.94 6.24 5.01
C LYS B 11 -6.36 6.36 3.56
N GLY B 12 -6.34 5.24 2.86
CA GLY B 12 -6.68 5.24 1.47
C GLY B 12 -5.74 6.10 0.65
N ARG B 13 -4.53 6.30 1.17
CA ARG B 13 -3.52 7.10 0.48
C ARG B 13 -2.82 6.28 -0.60
N LYS B 14 -3.05 4.98 -0.60
CA LYS B 14 -2.45 4.09 -1.58
C LYS B 14 -0.92 4.21 -1.58
N ILE B 15 -0.25 3.23 -2.18
CA ILE B 15 1.21 3.20 -2.19
C ILE B 15 1.82 3.49 -3.57
N HIS B 16 1.67 2.54 -4.47
CA HIS B 16 2.22 2.64 -5.82
C HIS B 16 3.71 2.97 -5.78
N TYR B 17 4.55 1.95 -5.85
CA TYR B 17 6.00 2.14 -5.83
C TYR B 17 6.45 2.92 -7.06
#